data_4HKF
#
_entry.id   4HKF
#
_cell.length_a   57.627
_cell.length_b   65.874
_cell.length_c   104.674
_cell.angle_alpha   90.000
_cell.angle_beta   90.000
_cell.angle_gamma   90.000
#
_symmetry.space_group_name_H-M   'C 2 2 21'
#
loop_
_entity.id
_entity.type
_entity.pdbx_description
1 polymer 'Alpha-tubulin N-acetyltransferase'
2 non-polymer 'ACETYL COENZYME *A'
3 non-polymer 'SULFATE ION'
4 water water
#
_entity_poly.entity_id   1
_entity_poly.type   'polypeptide(L)'
_entity_poly.pdbx_seq_one_letter_code
;GS(MSE)DFPYDLNALFPERISVLDSNLSAGRKAHGRPDPLPQVTTVIDELGKASSKAQQLPAPITSAAKLQANRHHLYL
LKDGEQNGGRGVIVGFLKVGYKKLFLLDQRGAHLETEPLCVLDFYVTETLQRHGYGSELFDF(MSE)LKHKQVEPAQ
(MSE)AYDRPSPKFLSFLEKRYDLRNSVPQVNNFVVFAGFFQSRSG
;
_entity_poly.pdbx_strand_id   A
#
loop_
_chem_comp.id
_chem_comp.type
_chem_comp.name
_chem_comp.formula
ACO non-polymer 'ACETYL COENZYME *A' 'C23 H38 N7 O17 P3 S'
SO4 non-polymer 'SULFATE ION' 'O4 S -2'
#
# COMPACT_ATOMS: atom_id res chain seq x y z
N PRO A 6 18.24 15.84 10.61
CA PRO A 6 18.44 15.68 12.05
C PRO A 6 18.96 14.28 12.39
N TYR A 7 18.16 13.26 12.07
CA TYR A 7 18.58 11.86 12.17
C TYR A 7 18.78 11.31 10.76
N ASP A 8 19.70 10.36 10.62
CA ASP A 8 19.78 9.55 9.39
C ASP A 8 18.62 8.57 9.42
N LEU A 9 18.00 8.33 8.26
CA LEU A 9 16.86 7.43 8.20
C LEU A 9 17.26 5.99 8.54
N ASN A 10 18.50 5.61 8.22
CA ASN A 10 18.99 4.28 8.55
C ASN A 10 19.02 4.04 10.06
N ALA A 11 19.07 5.15 10.81
CA ALA A 11 19.03 5.10 12.28
C ALA A 11 17.59 5.00 12.81
N LEU A 12 16.67 5.72 12.18
CA LEU A 12 15.25 5.67 12.54
C LEU A 12 14.65 4.32 12.14
N PHE A 13 14.96 3.88 10.92
CA PHE A 13 14.46 2.62 10.36
C PHE A 13 15.63 1.74 9.95
N PRO A 14 16.11 0.87 10.86
CA PRO A 14 17.24 0.00 10.49
C PRO A 14 16.92 -1.08 9.45
N GLU A 15 15.64 -1.45 9.31
CA GLU A 15 15.25 -2.51 8.37
C GLU A 15 15.00 -1.96 6.97
N ARG A 16 15.22 -2.80 5.95
CA ARG A 16 14.92 -2.40 4.57
C ARG A 16 13.42 -2.08 4.38
N ILE A 17 12.56 -2.95 4.92
CA ILE A 17 11.13 -2.67 4.93
C ILE A 17 10.70 -2.60 6.38
N SER A 18 10.16 -1.44 6.76
CA SER A 18 9.76 -1.16 8.14
C SER A 18 8.26 -1.14 8.19
N VAL A 19 7.68 -1.56 9.31
CA VAL A 19 6.22 -1.59 9.47
C VAL A 19 5.83 -0.59 10.53
N LEU A 20 4.93 0.31 10.18
CA LEU A 20 4.33 1.21 11.18
C LEU A 20 2.85 0.89 11.33
N ASP A 21 2.39 0.85 12.57
CA ASP A 21 0.96 0.68 12.83
C ASP A 21 0.25 2.04 12.94
N SER A 22 0.12 2.56 14.14
CA SER A 22 -0.44 3.90 14.36
C SER A 22 0.53 4.73 15.21
N ASN A 23 1.53 4.06 15.76
CA ASN A 23 2.60 4.73 16.49
C ASN A 23 3.74 5.13 15.53
N LEU A 24 3.91 6.43 15.36
CA LEU A 24 4.89 6.98 14.41
C LEU A 24 6.30 7.01 14.98
N PRO A 36 12.17 13.29 17.12
CA PRO A 36 12.14 12.24 16.09
C PRO A 36 10.82 12.18 15.29
N LEU A 37 9.69 12.40 15.96
CA LEU A 37 8.38 12.36 15.32
C LEU A 37 8.21 13.34 14.15
N PRO A 38 8.68 14.61 14.31
CA PRO A 38 8.57 15.57 13.20
C PRO A 38 9.25 15.13 11.88
N GLN A 39 10.39 14.45 11.99
CA GLN A 39 11.09 13.92 10.81
C GLN A 39 10.31 12.79 10.12
N VAL A 40 9.78 11.87 10.93
CA VAL A 40 8.94 10.77 10.44
C VAL A 40 7.69 11.33 9.76
N THR A 41 7.10 12.36 10.37
CA THR A 41 5.92 13.01 9.81
C THR A 41 6.19 13.57 8.41
N THR A 42 7.31 14.27 8.24
CA THR A 42 7.66 14.89 6.96
C THR A 42 7.82 13.87 5.84
N VAL A 43 8.52 12.78 6.15
CA VAL A 43 8.75 11.69 5.20
C VAL A 43 7.43 11.09 4.73
N ILE A 44 6.55 10.73 5.67
CA ILE A 44 5.27 10.10 5.33
C ILE A 44 4.39 11.07 4.55
N ASP A 45 4.30 12.32 5.02
CA ASP A 45 3.47 13.32 4.33
C ASP A 45 3.87 13.54 2.86
N GLU A 46 5.18 13.65 2.61
CA GLU A 46 5.67 13.92 1.27
C GLU A 46 5.36 12.76 0.33
N LEU A 47 5.56 11.55 0.83
CA LEU A 47 5.26 10.35 0.06
C LEU A 47 3.76 10.25 -0.25
N GLY A 48 2.94 10.58 0.73
CA GLY A 48 1.49 10.55 0.55
C GLY A 48 1.04 11.56 -0.52
N LYS A 49 1.63 12.75 -0.47
CA LYS A 49 1.36 13.78 -1.48
C LYS A 49 1.80 13.37 -2.89
N ALA A 50 2.96 12.73 -2.98
CA ALA A 50 3.47 12.22 -4.24
C ALA A 50 2.52 11.16 -4.84
N SER A 51 2.03 10.26 -3.99
CA SER A 51 1.13 9.20 -4.42
C SER A 51 -0.17 9.80 -4.97
N SER A 52 -0.75 10.75 -4.24
CA SER A 52 -2.02 11.32 -4.64
C SER A 52 -1.90 12.17 -5.92
N LYS A 53 -0.75 12.85 -6.08
CA LYS A 53 -0.48 13.60 -7.32
C LYS A 53 -0.37 12.63 -8.50
N ALA A 54 0.33 11.52 -8.28
CA ALA A 54 0.49 10.48 -9.31
C ALA A 54 -0.87 9.94 -9.76
N GLN A 55 -1.81 9.86 -8.81
CA GLN A 55 -3.15 9.32 -9.06
C GLN A 55 -4.17 10.39 -9.43
N GLN A 56 -3.73 11.65 -9.54
CA GLN A 56 -4.61 12.79 -9.85
C GLN A 56 -5.80 12.87 -8.87
N LEU A 57 -5.49 12.65 -7.59
CA LEU A 57 -6.50 12.71 -6.52
C LEU A 57 -6.58 14.13 -5.98
N PRO A 58 -7.78 14.55 -5.49
CA PRO A 58 -7.91 15.94 -5.00
C PRO A 58 -7.14 16.23 -3.71
N ALA A 59 -6.82 15.20 -2.92
CA ALA A 59 -6.08 15.36 -1.67
C ALA A 59 -5.29 14.08 -1.34
N PRO A 60 -4.24 14.20 -0.49
CA PRO A 60 -3.51 12.99 -0.11
C PRO A 60 -4.40 12.00 0.65
N ILE A 61 -4.30 10.72 0.32
CA ILE A 61 -5.07 9.75 1.08
C ILE A 61 -4.25 9.09 2.17
N THR A 62 -2.95 9.36 2.16
CA THR A 62 -2.02 8.88 3.19
C THR A 62 -1.27 10.06 3.78
N SER A 63 -1.28 10.16 5.11
CA SER A 63 -0.50 11.17 5.83
C SER A 63 -0.15 10.62 7.21
N ALA A 64 0.83 11.24 7.87
CA ALA A 64 1.20 10.87 9.23
C ALA A 64 -0.01 10.95 10.19
N ALA A 65 -0.74 12.06 10.14
CA ALA A 65 -1.90 12.28 10.99
C ALA A 65 -2.98 11.22 10.75
N LYS A 66 -3.26 10.91 9.48
CA LYS A 66 -4.24 9.87 9.17
C LYS A 66 -3.80 8.50 9.67
N LEU A 67 -2.49 8.23 9.61
CA LEU A 67 -1.96 6.96 10.10
C LEU A 67 -2.22 6.86 11.61
N GLN A 68 -1.97 7.95 12.34
CA GLN A 68 -2.21 7.96 13.79
C GLN A 68 -3.69 7.77 14.15
N ALA A 69 -4.57 8.27 13.29
CA ALA A 69 -6.01 8.30 13.55
C ALA A 69 -6.71 6.99 13.18
N ASN A 70 -6.10 6.21 12.30
CA ASN A 70 -6.69 4.98 11.77
C ASN A 70 -6.07 3.72 12.33
N ARG A 71 -6.63 2.57 11.97
CA ARG A 71 -6.01 1.27 12.29
C ARG A 71 -5.42 0.65 11.03
N HIS A 72 -4.57 1.43 10.36
CA HIS A 72 -3.92 0.99 9.13
C HIS A 72 -2.52 0.55 9.40
N HIS A 73 -1.91 -0.11 8.43
CA HIS A 73 -0.53 -0.59 8.57
C HIS A 73 0.21 -0.09 7.37
N LEU A 74 1.37 0.52 7.63
CA LEU A 74 2.13 1.19 6.59
C LEU A 74 3.48 0.52 6.49
N TYR A 75 3.84 0.06 5.29
CA TYR A 75 5.13 -0.56 5.03
C TYR A 75 5.96 0.44 4.25
N LEU A 76 7.18 0.69 4.72
CA LEU A 76 8.08 1.68 4.10
C LEU A 76 9.33 1.00 3.62
N LEU A 77 9.67 1.19 2.34
CA LEU A 77 10.89 0.63 1.81
C LEU A 77 11.96 1.68 1.75
N LYS A 78 13.10 1.36 2.36
CA LYS A 78 14.24 2.29 2.43
C LYS A 78 15.38 1.82 1.55
N ASP A 79 15.84 2.69 0.65
CA ASP A 79 17.10 2.48 -0.04
C ASP A 79 18.19 3.07 0.85
N GLY A 80 18.88 2.19 1.56
CA GLY A 80 19.87 2.59 2.57
C GLY A 80 21.09 3.26 1.98
N GLU A 81 21.32 3.07 0.68
CA GLU A 81 22.50 3.62 0.02
C GLU A 81 22.38 5.10 -0.34
N GLN A 82 21.15 5.57 -0.51
CA GLN A 82 20.91 6.92 -1.00
C GLN A 82 21.35 7.99 -0.01
N ASN A 83 21.62 9.19 -0.53
CA ASN A 83 22.05 10.31 0.27
C ASN A 83 23.30 9.99 1.11
N GLY A 84 24.31 9.44 0.44
CA GLY A 84 25.60 9.16 1.06
C GLY A 84 25.49 8.11 2.14
N GLY A 85 24.59 7.15 1.94
CA GLY A 85 24.42 6.04 2.87
C GLY A 85 23.56 6.39 4.07
N ARG A 86 22.86 7.52 4.01
CA ARG A 86 21.95 7.92 5.11
C ARG A 86 20.56 7.30 4.95
N GLY A 87 20.19 6.95 3.73
CA GLY A 87 18.90 6.32 3.48
C GLY A 87 17.83 7.27 2.99
N VAL A 88 17.00 6.78 2.08
CA VAL A 88 15.84 7.52 1.59
C VAL A 88 14.69 6.53 1.48
N ILE A 89 13.49 6.93 1.90
CA ILE A 89 12.29 6.11 1.66
C ILE A 89 11.86 6.23 0.20
N VAL A 90 11.80 5.11 -0.51
CA VAL A 90 11.52 5.12 -1.94
C VAL A 90 10.12 4.65 -2.29
N GLY A 91 9.39 4.13 -1.31
CA GLY A 91 8.03 3.70 -1.60
C GLY A 91 7.34 3.24 -0.35
N PHE A 92 6.03 3.13 -0.42
CA PHE A 92 5.23 2.66 0.71
C PHE A 92 4.02 1.89 0.23
N LEU A 93 3.44 1.12 1.14
CA LEU A 93 2.22 0.35 0.88
C LEU A 93 1.40 0.43 2.15
N LYS A 94 0.15 0.84 2.02
CA LYS A 94 -0.74 1.00 3.17
C LYS A 94 -1.92 0.06 3.04
N VAL A 95 -2.14 -0.74 4.08
CA VAL A 95 -3.24 -1.72 4.07
C VAL A 95 -4.11 -1.54 5.31
N GLY A 96 -5.35 -2.02 5.26
CA GLY A 96 -6.21 -1.99 6.43
C GLY A 96 -7.46 -2.78 6.16
N TYR A 97 -8.18 -3.13 7.23
CA TYR A 97 -9.42 -3.87 7.09
C TYR A 97 -10.57 -2.93 6.82
N LYS A 98 -11.46 -3.34 5.93
CA LYS A 98 -12.67 -2.59 5.62
C LYS A 98 -13.85 -3.54 5.62
N LYS A 99 -14.95 -3.16 6.29
CA LYS A 99 -16.19 -3.92 6.18
C LYS A 99 -16.85 -3.57 4.85
N LEU A 100 -17.17 -4.60 4.07
CA LEU A 100 -17.67 -4.41 2.70
C LEU A 100 -18.84 -5.31 2.38
N PHE A 101 -19.80 -4.76 1.65
CA PHE A 101 -20.82 -5.60 1.02
C PHE A 101 -20.31 -5.86 -0.39
N LEU A 102 -20.12 -7.13 -0.73
CA LEU A 102 -19.60 -7.50 -2.04
C LEU A 102 -20.53 -8.48 -2.75
N LEU A 103 -20.45 -8.50 -4.08
CA LEU A 103 -21.23 -9.42 -4.90
C LEU A 103 -20.31 -10.53 -5.39
N ASP A 104 -20.74 -11.78 -5.24
CA ASP A 104 -19.95 -12.88 -5.81
C ASP A 104 -20.30 -13.07 -7.30
N GLN A 105 -19.74 -14.12 -7.91
CA GLN A 105 -19.87 -14.34 -9.35
C GLN A 105 -21.31 -14.65 -9.78
N ARG A 106 -22.13 -15.11 -8.84
CA ARG A 106 -23.54 -15.42 -9.12
C ARG A 106 -24.50 -14.30 -8.70
N GLY A 107 -23.95 -13.26 -8.08
CA GLY A 107 -24.75 -12.13 -7.62
C GLY A 107 -25.26 -12.25 -6.19
N ALA A 108 -24.74 -13.20 -5.43
CA ALA A 108 -25.05 -13.27 -4.00
C ALA A 108 -24.33 -12.10 -3.31
N HIS A 109 -25.03 -11.38 -2.43
CA HIS A 109 -24.47 -10.17 -1.82
C HIS A 109 -24.02 -10.50 -0.44
N LEU A 110 -22.70 -10.54 -0.26
CA LEU A 110 -22.06 -11.08 0.94
C LEU A 110 -21.39 -9.99 1.78
N GLU A 111 -21.51 -10.10 3.10
CA GLU A 111 -20.83 -9.20 4.02
C GLU A 111 -19.47 -9.78 4.36
N THR A 112 -18.43 -8.97 4.20
CA THR A 112 -17.05 -9.44 4.38
C THR A 112 -16.22 -8.35 5.06
N GLU A 113 -15.12 -8.72 5.69
CA GLU A 113 -14.20 -7.71 6.23
C GLU A 113 -12.76 -8.07 5.86
N PRO A 114 -12.42 -7.95 4.57
CA PRO A 114 -11.09 -8.33 4.14
C PRO A 114 -10.01 -7.30 4.45
N LEU A 115 -8.76 -7.76 4.43
CA LEU A 115 -7.65 -6.83 4.35
C LEU A 115 -7.63 -6.21 2.97
N CYS A 116 -7.44 -4.90 2.94
CA CYS A 116 -7.52 -4.12 1.70
C CYS A 116 -6.24 -3.34 1.42
N VAL A 117 -5.86 -3.24 0.15
CA VAL A 117 -4.81 -2.28 -0.22
C VAL A 117 -5.48 -0.92 -0.39
N LEU A 118 -5.01 0.04 0.40
CA LEU A 118 -5.61 1.38 0.44
C LEU A 118 -4.77 2.44 -0.27
N ASP A 119 -3.44 2.31 -0.27
CA ASP A 119 -2.56 3.24 -1.01
C ASP A 119 -1.25 2.51 -1.23
N PHE A 120 -0.52 2.88 -2.28
CA PHE A 120 0.68 2.12 -2.70
C PHE A 120 1.41 3.00 -3.70
N TYR A 121 2.70 3.28 -3.46
CA TYR A 121 3.41 4.19 -4.32
C TYR A 121 4.89 3.98 -4.22
N VAL A 122 5.55 3.97 -5.39
CA VAL A 122 7.01 3.97 -5.47
C VAL A 122 7.39 5.21 -6.26
N THR A 123 8.38 5.96 -5.78
CA THR A 123 8.88 7.17 -6.43
C THR A 123 9.00 6.94 -7.94
N GLU A 124 8.40 7.84 -8.73
CA GLU A 124 8.20 7.57 -10.16
C GLU A 124 9.48 7.19 -10.90
N THR A 125 10.58 7.91 -10.64
CA THR A 125 11.85 7.63 -11.35
C THR A 125 12.45 6.26 -10.98
N LEU A 126 11.97 5.68 -9.88
CA LEU A 126 12.47 4.42 -9.38
C LEU A 126 11.52 3.25 -9.65
N GLN A 127 10.42 3.51 -10.36
CA GLN A 127 9.44 2.45 -10.66
C GLN A 127 10.05 1.41 -11.61
N ARG A 128 9.45 0.22 -11.65
CA ARG A 128 9.89 -0.87 -12.54
C ARG A 128 11.28 -1.42 -12.18
N HIS A 129 11.70 -1.23 -10.92
CA HIS A 129 12.95 -1.79 -10.40
C HIS A 129 12.71 -2.75 -9.26
N GLY A 130 11.46 -3.19 -9.11
CA GLY A 130 11.16 -4.25 -8.16
C GLY A 130 10.81 -3.80 -6.75
N TYR A 131 10.78 -2.49 -6.50
CA TYR A 131 10.49 -1.99 -5.16
C TYR A 131 9.06 -2.30 -4.74
N GLY A 132 8.11 -2.09 -5.66
CA GLY A 132 6.69 -2.40 -5.38
C GLY A 132 6.54 -3.89 -5.03
N SER A 133 7.22 -4.73 -5.79
CA SER A 133 7.22 -6.17 -5.56
C SER A 133 7.76 -6.51 -4.17
N GLU A 134 8.86 -5.88 -3.78
CA GLU A 134 9.45 -6.16 -2.47
C GLU A 134 8.45 -5.79 -1.36
N LEU A 135 7.83 -4.62 -1.49
CA LEU A 135 6.84 -4.19 -0.50
C LEU A 135 5.65 -5.16 -0.41
N PHE A 136 5.11 -5.52 -1.57
CA PHE A 136 3.90 -6.34 -1.62
C PHE A 136 4.21 -7.74 -1.08
N ASP A 137 5.32 -8.33 -1.50
CA ASP A 137 5.70 -9.66 -0.98
C ASP A 137 5.91 -9.65 0.54
N PHE A 138 6.56 -8.61 1.05
CA PHE A 138 6.79 -8.50 2.49
C PHE A 138 5.45 -8.43 3.23
N MSE A 139 4.54 -7.57 2.76
CA MSE A 139 3.20 -7.44 3.38
C MSE A 139 2.45 -8.75 3.37
O MSE A 139 1.84 -9.11 4.39
CB MSE A 139 2.44 -6.33 2.65
CG MSE A 139 1.05 -6.07 3.23
SE MSE A 139 -0.34 -7.26 2.45
CE MSE A 139 -0.22 -6.63 0.58
N LEU A 140 2.45 -9.47 2.25
CA LEU A 140 1.68 -10.73 2.20
C LEU A 140 2.16 -11.70 3.28
N LYS A 141 3.48 -11.80 3.43
CA LYS A 141 4.04 -12.68 4.44
C LYS A 141 3.75 -12.17 5.86
N HIS A 142 3.89 -10.87 6.05
CA HIS A 142 3.71 -10.25 7.36
C HIS A 142 2.27 -10.35 7.82
N LYS A 143 1.34 -10.19 6.89
CA LYS A 143 -0.09 -10.22 7.20
C LYS A 143 -0.71 -11.62 7.09
N GLN A 144 0.10 -12.59 6.63
CA GLN A 144 -0.32 -13.98 6.45
C GLN A 144 -1.54 -14.11 5.55
N VAL A 145 -1.43 -13.52 4.37
CA VAL A 145 -2.56 -13.43 3.45
C VAL A 145 -2.08 -13.67 2.03
N GLU A 146 -2.97 -14.21 1.18
CA GLU A 146 -2.70 -14.36 -0.25
C GLU A 146 -3.41 -13.24 -1.03
N PRO A 147 -2.84 -12.83 -2.18
CA PRO A 147 -3.38 -11.65 -2.89
C PRO A 147 -4.86 -11.78 -3.29
N ALA A 148 -5.29 -12.98 -3.65
CA ALA A 148 -6.69 -13.16 -4.08
C ALA A 148 -7.68 -13.01 -2.92
N GLN A 149 -7.18 -13.09 -1.70
CA GLN A 149 -8.05 -12.97 -0.52
C GLN A 149 -8.19 -11.52 -0.05
N MSE A 150 -7.56 -10.59 -0.76
CA MSE A 150 -7.62 -9.17 -0.41
C MSE A 150 -8.57 -8.43 -1.31
O MSE A 150 -8.91 -8.91 -2.40
CB MSE A 150 -6.23 -8.51 -0.54
CG MSE A 150 -5.27 -9.20 0.41
SE MSE A 150 -3.55 -8.24 0.42
CE MSE A 150 -4.17 -6.51 1.13
N ALA A 151 -9.02 -7.25 -0.87
CA ALA A 151 -9.75 -6.32 -1.74
C ALA A 151 -8.85 -5.13 -2.07
N TYR A 152 -9.16 -4.41 -3.13
CA TYR A 152 -8.26 -3.35 -3.63
C TYR A 152 -9.10 -2.11 -3.84
N ASP A 153 -8.75 -1.03 -3.15
CA ASP A 153 -9.54 0.22 -3.22
C ASP A 153 -9.19 1.02 -4.49
N ARG A 154 -10.07 0.99 -5.48
CA ARG A 154 -9.90 1.83 -6.70
C ARG A 154 -8.51 1.64 -7.36
N PRO A 155 -8.13 0.39 -7.67
CA PRO A 155 -6.77 0.20 -8.18
C PRO A 155 -6.57 0.89 -9.53
N SER A 156 -5.41 1.50 -9.70
CA SER A 156 -5.05 2.19 -10.95
C SER A 156 -4.65 1.19 -12.02
N PRO A 157 -4.59 1.65 -13.29
CA PRO A 157 -4.09 0.78 -14.38
C PRO A 157 -2.72 0.19 -14.11
N LYS A 158 -1.78 0.99 -13.57
CA LYS A 158 -0.44 0.47 -13.24
C LYS A 158 -0.53 -0.66 -12.22
N PHE A 159 -1.33 -0.47 -11.18
CA PHE A 159 -1.47 -1.46 -10.12
C PHE A 159 -2.17 -2.72 -10.65
N LEU A 160 -3.17 -2.55 -11.51
CA LEU A 160 -3.84 -3.73 -12.09
C LEU A 160 -2.87 -4.55 -12.97
N SER A 161 -1.99 -3.88 -13.71
CA SER A 161 -0.96 -4.58 -14.50
C SER A 161 0.00 -5.35 -13.59
N PHE A 162 0.45 -4.69 -12.51
CA PHE A 162 1.27 -5.31 -11.44
C PHE A 162 0.59 -6.58 -10.92
N LEU A 163 -0.69 -6.49 -10.56
CA LEU A 163 -1.40 -7.64 -10.02
C LEU A 163 -1.56 -8.77 -11.03
N GLU A 164 -1.83 -8.42 -12.28
CA GLU A 164 -2.00 -9.43 -13.31
C GLU A 164 -0.68 -10.14 -13.62
N LYS A 165 0.37 -9.37 -13.87
CA LYS A 165 1.62 -9.92 -14.39
C LYS A 165 2.42 -10.63 -13.31
N ARG A 166 2.36 -10.14 -12.07
CA ARG A 166 3.15 -10.75 -11.00
C ARG A 166 2.36 -11.74 -10.14
N TYR A 167 1.06 -11.52 -9.98
CA TYR A 167 0.27 -12.34 -9.06
C TYR A 167 -0.88 -13.11 -9.71
N ASP A 168 -0.96 -13.05 -11.04
CA ASP A 168 -1.97 -13.81 -11.80
C ASP A 168 -3.40 -13.43 -11.37
N LEU A 169 -3.61 -12.17 -10.98
CA LEU A 169 -4.95 -11.67 -10.67
C LEU A 169 -5.50 -10.92 -11.87
N ARG A 170 -6.49 -11.51 -12.54
CA ARG A 170 -7.05 -10.91 -13.75
C ARG A 170 -8.55 -11.14 -13.77
N ASN A 171 -9.27 -10.41 -14.62
CA ASN A 171 -10.72 -10.57 -14.73
C ASN A 171 -11.40 -10.50 -13.37
N SER A 172 -11.41 -9.33 -12.77
CA SER A 172 -12.04 -9.18 -11.47
C SER A 172 -13.55 -9.42 -11.52
N VAL A 173 -14.13 -9.68 -10.35
CA VAL A 173 -15.56 -9.94 -10.19
C VAL A 173 -16.20 -8.58 -9.98
N PRO A 174 -17.04 -8.13 -10.94
CA PRO A 174 -17.52 -6.74 -10.90
C PRO A 174 -18.31 -6.36 -9.64
N GLN A 175 -17.95 -5.21 -9.08
CA GLN A 175 -18.58 -4.67 -7.87
C GLN A 175 -19.24 -3.34 -8.20
N VAL A 176 -20.16 -2.91 -7.35
CA VAL A 176 -20.88 -1.66 -7.55
C VAL A 176 -20.27 -0.55 -6.69
N ASN A 177 -19.47 -0.94 -5.71
CA ASN A 177 -18.74 0.04 -4.93
C ASN A 177 -17.39 0.22 -5.64
N ASN A 178 -16.46 0.88 -5.01
CA ASN A 178 -15.22 1.15 -5.72
C ASN A 178 -14.08 0.16 -5.44
N PHE A 179 -14.42 -0.96 -4.81
CA PHE A 179 -13.45 -2.00 -4.47
C PHE A 179 -13.39 -3.08 -5.53
N VAL A 180 -12.20 -3.63 -5.73
CA VAL A 180 -11.96 -4.66 -6.72
C VAL A 180 -11.56 -5.93 -5.99
N VAL A 181 -12.18 -7.04 -6.39
CA VAL A 181 -11.80 -8.36 -5.91
C VAL A 181 -11.77 -9.33 -7.09
N PHE A 182 -11.00 -10.40 -6.94
CA PHE A 182 -10.76 -11.36 -8.01
C PHE A 182 -11.42 -12.70 -7.68
N ALA A 183 -11.50 -13.60 -8.65
CA ALA A 183 -12.26 -14.87 -8.51
C ALA A 183 -11.95 -15.64 -7.21
N GLY A 184 -10.68 -15.75 -6.87
CA GLY A 184 -10.27 -16.52 -5.70
C GLY A 184 -10.69 -15.95 -4.36
N PHE A 185 -11.22 -14.73 -4.35
CA PHE A 185 -11.72 -14.09 -3.14
C PHE A 185 -12.86 -14.88 -2.51
N PHE A 186 -13.67 -15.50 -3.37
CA PHE A 186 -14.95 -16.13 -2.98
C PHE A 186 -14.86 -17.65 -2.83
N1A ACO B . 2.95 -1.37 -16.81
C2A ACO B . 2.87 -2.73 -17.00
N3A ACO B . 3.31 -3.56 -15.96
C4A ACO B . 3.78 -3.00 -14.83
C5A ACO B . 3.85 -1.67 -14.67
C6A ACO B . 3.44 -0.86 -15.66
N6A ACO B . 3.52 0.47 -15.49
N7A ACO B . 4.37 -1.43 -13.46
C8A ACO B . 4.62 -2.61 -12.88
N9A ACO B . 4.26 -3.58 -13.73
C1B ACO B . 4.31 -5.07 -13.56
C2B ACO B . 5.47 -5.63 -14.37
O2B ACO B . 5.20 -7.01 -14.73
C3B ACO B . 6.58 -5.54 -13.37
O3B ACO B . 7.67 -6.43 -13.77
P3B ACO B . 8.71 -5.94 -14.91
O7A ACO B . 9.09 -4.57 -14.51
O8A ACO B . 7.97 -5.94 -16.18
O9A ACO B . 9.78 -6.91 -14.79
C4B ACO B . 5.87 -6.03 -12.12
O4B ACO B . 4.59 -5.33 -12.16
C5B ACO B . 6.60 -5.60 -10.82
O5B ACO B . 6.81 -4.20 -10.81
P1A ACO B . 7.67 -3.46 -9.69
O1A ACO B . 7.86 -4.32 -8.53
O2A ACO B . 8.87 -2.87 -10.32
O3A ACO B . 6.61 -2.28 -9.31
P2A ACO B . 6.95 -0.73 -8.97
O4A ACO B . 8.08 -0.65 -8.04
O5A ACO B . 7.04 0.01 -10.24
O6A ACO B . 5.63 -0.32 -8.15
CBP ACO B . 3.35 0.61 -8.22
CCP ACO B . 4.27 -0.57 -8.63
CDP ACO B . 3.55 0.89 -6.72
CEP ACO B . 1.89 0.21 -8.49
CAP ACO B . 3.78 1.84 -9.08
OAP ACO B . 3.44 1.61 -10.46
C9P ACO B . 3.22 3.19 -8.60
O9P ACO B . 3.70 3.77 -7.63
N8P ACO B . 2.21 3.70 -9.36
C7P ACO B . 1.61 5.01 -9.10
C6P ACO B . 0.73 4.98 -7.83
C5P ACO B . -0.43 4.01 -8.02
O5P ACO B . -1.09 3.97 -9.06
N4P ACO B . -0.66 3.25 -6.95
C3P ACO B . -1.79 2.31 -6.87
C2P ACO B . -2.95 3.13 -6.32
S1P ACO B . -4.51 2.22 -6.08
C ACO B . -4.24 1.34 -4.59
O ACO B . -3.25 1.49 -3.87
CH3 ACO B . -5.35 0.35 -4.22
S SO4 C . 5.26 -3.09 -20.44
O1 SO4 C . 6.36 -3.92 -19.89
O2 SO4 C . 3.95 -3.65 -20.02
O3 SO4 C . 5.38 -1.70 -19.95
O4 SO4 C . 5.34 -3.11 -21.93
S SO4 D . 26.41 7.24 7.11
O1 SO4 D . 27.00 6.22 8.00
O2 SO4 D . 24.94 7.21 7.20
O3 SO4 D . 26.89 8.58 7.53
O4 SO4 D . 26.83 6.99 5.71
S SO4 E . 22.40 14.92 8.45
O1 SO4 E . 23.31 13.76 8.54
O2 SO4 E . 21.11 14.60 9.12
O3 SO4 E . 23.02 16.10 9.10
O4 SO4 E . 22.15 15.24 7.02
#